data_6X7Z
#
_entry.id   6X7Z
#
_cell.length_a   45.153
_cell.length_b   50.567
_cell.length_c   79.617
_cell.angle_alpha   90.000
_cell.angle_beta   90.000
_cell.angle_gamma   90.000
#
_symmetry.space_group_name_H-M   'P 21 21 21'
#
loop_
_entity.id
_entity.type
_entity.pdbx_description
1 polymer 'Antifreeze protein'
2 non-polymer 'CALCIUM ION'
3 non-polymer 1,2-ETHANEDIOL
4 non-polymer 1,2,3,4,5,6-HEXAHYDROXY-CYCLOHEXANE
5 water water
#
_entity_poly.entity_id   1
_entity_poly.type   'polypeptide(L)'
_entity_poly.pdbx_seq_one_letter_code
;PDSLFAGLVGEYYGTNSQLNNISDFRALVDSKEADATFEAANISYGRGSSDVAKGTHLQEFLGSDASTLSTDPGDNTDGG
IYLQGYVYLEAGTYNFKVTADDGYEITINGNPVATVDNNQSVYTVTHASFTISESGYQAIDMIWWDQGGDYVFQPTLSAD
GGSTYFVLDSAILSSTGETPYT
;
_entity_poly.pdbx_strand_id   A
#
loop_
_chem_comp.id
_chem_comp.type
_chem_comp.name
_chem_comp.formula
CA non-polymer 'CALCIUM ION' 'Ca 2'
EDO non-polymer 1,2-ETHANEDIOL 'C2 H6 O2'
INS non-polymer 1,2,3,4,5,6-HEXAHYDROXY-CYCLOHEXANE 'C6 H12 O6'
#
# COMPACT_ATOMS: atom_id res chain seq x y z
N ASP A 2 -12.79 -3.27 16.70
CA ASP A 2 -12.20 -3.35 15.29
C ASP A 2 -11.49 -4.69 15.16
N SER A 3 -11.45 -5.35 13.99
CA SER A 3 -10.79 -6.62 13.87
CA SER A 3 -10.81 -6.65 14.06
C SER A 3 -9.29 -6.51 14.21
N LEU A 4 -8.76 -7.46 14.99
CA LEU A 4 -7.32 -7.58 15.23
C LEU A 4 -6.78 -8.68 14.31
N PHE A 5 -5.89 -8.27 13.39
CA PHE A 5 -5.23 -9.24 12.53
C PHE A 5 -3.84 -8.73 12.23
N ALA A 6 -3.00 -9.63 11.72
CA ALA A 6 -1.59 -9.31 11.43
C ALA A 6 -1.51 -8.75 10.00
N GLY A 7 -1.86 -7.47 9.87
CA GLY A 7 -1.95 -6.82 8.59
C GLY A 7 -2.42 -5.40 8.79
N LEU A 8 -2.47 -4.66 7.67
CA LEU A 8 -3.09 -3.34 7.67
C LEU A 8 -4.53 -3.45 7.20
N VAL A 9 -5.36 -2.49 7.66
CA VAL A 9 -6.73 -2.36 7.19
C VAL A 9 -6.67 -1.83 5.76
N GLY A 10 -7.22 -2.58 4.80
CA GLY A 10 -7.18 -2.19 3.39
C GLY A 10 -8.53 -1.76 2.89
N GLU A 11 -8.50 -0.69 2.08
CA GLU A 11 -9.66 -0.21 1.33
C GLU A 11 -9.25 -0.04 -0.12
N TYR A 12 -10.12 -0.50 -1.02
CA TYR A 12 -9.98 -0.31 -2.46
C TYR A 12 -11.05 0.68 -2.94
N TYR A 13 -10.65 1.59 -3.80
CA TYR A 13 -11.54 2.55 -4.45
C TYR A 13 -11.29 2.53 -5.95
N GLY A 14 -12.37 2.45 -6.71
CA GLY A 14 -12.35 2.60 -8.16
C GLY A 14 -13.01 3.88 -8.61
N THR A 15 -12.67 4.32 -9.82
CA THR A 15 -13.28 5.52 -10.40
C THR A 15 -13.16 5.45 -11.91
N ASN A 16 -14.04 6.21 -12.60
CA ASN A 16 -13.94 6.39 -14.03
C ASN A 16 -13.40 7.76 -14.41
N SER A 17 -12.91 8.50 -13.42
CA SER A 17 -12.13 9.70 -13.61
C SER A 17 -10.63 9.35 -13.63
N GLN A 18 -9.83 10.29 -14.14
CA GLN A 18 -8.39 10.06 -14.21
C GLN A 18 -7.72 10.37 -12.86
N LEU A 19 -6.86 9.45 -12.43
CA LEU A 19 -5.97 9.65 -11.30
C LEU A 19 -4.60 10.05 -11.81
N ASN A 20 -4.21 11.33 -11.55
CA ASN A 20 -2.92 11.83 -12.01
C ASN A 20 -1.87 11.93 -10.90
N ASN A 21 -2.27 11.92 -9.62
CA ASN A 21 -1.39 12.29 -8.55
C ASN A 21 -2.03 11.85 -7.23
N ILE A 22 -1.26 12.07 -6.17
CA ILE A 22 -1.69 11.64 -4.85
C ILE A 22 -3.00 12.34 -4.45
N SER A 23 -3.07 13.66 -4.70
N SER A 23 -3.08 13.65 -4.71
CA SER A 23 -4.25 14.44 -4.39
CA SER A 23 -4.25 14.40 -4.34
C SER A 23 -5.52 13.81 -4.98
C SER A 23 -5.52 13.82 -4.98
N ASP A 24 -5.43 13.40 -6.24
CA ASP A 24 -6.57 12.84 -6.91
C ASP A 24 -7.05 11.57 -6.20
N PHE A 25 -6.11 10.69 -5.82
CA PHE A 25 -6.52 9.46 -5.17
C PHE A 25 -7.08 9.75 -3.77
N ARG A 26 -6.42 10.63 -3.01
CA ARG A 26 -6.93 10.97 -1.69
C ARG A 26 -8.34 11.55 -1.78
N ALA A 27 -8.61 12.40 -2.78
CA ALA A 27 -9.96 12.94 -2.96
C ALA A 27 -10.95 11.82 -3.26
N LEU A 28 -10.55 10.83 -4.05
CA LEU A 28 -11.43 9.68 -4.31
C LEU A 28 -11.79 8.96 -3.01
N VAL A 29 -10.77 8.69 -2.18
CA VAL A 29 -11.00 8.05 -0.89
C VAL A 29 -12.01 8.85 -0.06
N ASP A 30 -11.84 10.19 -0.03
CA ASP A 30 -12.72 11.06 0.73
C ASP A 30 -14.16 11.04 0.24
N SER A 31 -14.37 10.74 -1.03
CA SER A 31 -15.63 11.03 -1.72
C SER A 31 -16.72 10.00 -1.45
N LYS A 32 -16.38 8.81 -0.96
CA LYS A 32 -17.35 7.73 -0.91
C LYS A 32 -16.86 6.65 0.04
N GLU A 33 -17.70 5.66 0.32
CA GLU A 33 -17.27 4.46 1.01
C GLU A 33 -16.42 3.60 0.09
N ALA A 34 -15.51 2.82 0.69
CA ALA A 34 -14.65 1.94 -0.10
C ALA A 34 -15.51 1.03 -0.97
N ASP A 35 -15.04 0.78 -2.18
CA ASP A 35 -15.64 -0.23 -3.04
C ASP A 35 -15.42 -1.65 -2.55
N ALA A 36 -14.32 -1.89 -1.80
CA ALA A 36 -14.11 -3.17 -1.14
C ALA A 36 -13.13 -2.92 0.02
N THR A 37 -13.21 -3.78 1.04
CA THR A 37 -12.22 -3.80 2.10
C THR A 37 -11.49 -5.13 2.07
N PHE A 38 -10.31 -5.17 2.69
CA PHE A 38 -9.51 -6.38 2.72
C PHE A 38 -8.48 -6.22 3.86
N GLU A 39 -7.82 -7.35 4.17
CA GLU A 39 -6.70 -7.38 5.11
C GLU A 39 -5.40 -7.40 4.31
N ALA A 40 -4.56 -6.40 4.53
CA ALA A 40 -3.28 -6.30 3.80
C ALA A 40 -2.18 -6.91 4.66
N ALA A 41 -2.00 -8.22 4.50
CA ALA A 41 -1.05 -9.00 5.29
C ALA A 41 0.25 -9.34 4.56
N ASN A 42 0.33 -9.06 3.26
CA ASN A 42 1.57 -9.38 2.53
C ASN A 42 1.68 -8.35 1.41
N ILE A 43 2.32 -7.21 1.72
CA ILE A 43 2.17 -6.00 0.91
C ILE A 43 3.22 -6.04 -0.22
N SER A 44 2.93 -6.90 -1.18
CA SER A 44 3.75 -7.11 -2.39
C SER A 44 2.76 -7.53 -3.45
N TYR A 45 2.31 -6.57 -4.27
CA TYR A 45 1.14 -6.76 -5.11
C TYR A 45 1.53 -6.63 -6.59
N GLY A 46 0.91 -7.43 -7.42
CA GLY A 46 1.20 -7.40 -8.84
C GLY A 46 2.49 -8.11 -9.16
N ARG A 47 3.06 -7.93 -10.36
CA ARG A 47 2.70 -7.02 -11.47
C ARG A 47 1.55 -7.62 -12.25
N GLY A 48 0.68 -6.81 -12.92
CA GLY A 48 -0.26 -7.25 -13.93
C GLY A 48 -0.51 -6.16 -14.95
N SER A 49 -1.39 -6.50 -15.89
CA SER A 49 -1.68 -5.65 -17.04
C SER A 49 -3.19 -5.44 -17.22
N SER A 50 -3.54 -4.51 -18.12
CA SER A 50 -4.92 -4.32 -18.56
C SER A 50 -5.86 -3.78 -17.46
N ASP A 51 -5.29 -2.90 -16.62
CA ASP A 51 -6.03 -2.00 -15.67
C ASP A 51 -6.37 -2.73 -14.37
N VAL A 52 -5.87 -2.23 -13.24
CA VAL A 52 -6.16 -2.92 -11.97
C VAL A 52 -7.64 -2.96 -11.69
N ALA A 53 -8.38 -1.96 -12.18
CA ALA A 53 -9.77 -1.76 -11.79
C ALA A 53 -10.75 -2.56 -12.65
N LYS A 54 -10.24 -3.31 -13.63
CA LYS A 54 -11.09 -4.08 -14.55
C LYS A 54 -11.10 -5.57 -14.18
N GLY A 55 -12.26 -6.21 -14.35
CA GLY A 55 -12.36 -7.65 -14.22
C GLY A 55 -11.86 -8.14 -12.89
N THR A 56 -11.04 -9.20 -12.93
CA THR A 56 -10.47 -9.81 -11.73
C THR A 56 -9.02 -9.38 -11.49
N HIS A 57 -8.63 -8.25 -12.09
CA HIS A 57 -7.25 -7.82 -11.94
C HIS A 57 -6.91 -7.43 -10.51
N LEU A 58 -7.85 -6.86 -9.76
CA LEU A 58 -7.56 -6.52 -8.36
C LEU A 58 -7.26 -7.78 -7.55
N GLN A 59 -8.07 -8.81 -7.77
CA GLN A 59 -7.88 -10.11 -7.08
C GLN A 59 -6.47 -10.63 -7.38
N GLU A 60 -6.07 -10.58 -8.65
CA GLU A 60 -4.77 -11.08 -9.06
C GLU A 60 -3.66 -10.28 -8.39
N PHE A 61 -3.82 -8.96 -8.40
CA PHE A 61 -2.87 -8.01 -7.81
C PHE A 61 -2.67 -8.28 -6.31
N LEU A 62 -3.78 -8.41 -5.58
CA LEU A 62 -3.72 -8.62 -4.15
C LEU A 62 -3.28 -10.03 -3.75
N GLY A 63 -3.43 -11.00 -4.66
CA GLY A 63 -2.92 -12.33 -4.45
C GLY A 63 -3.40 -12.95 -3.18
N SER A 64 -2.38 -13.29 -2.31
CA SER A 64 -2.51 -13.86 -1.02
C SER A 64 -3.47 -13.09 -0.12
N ASP A 65 -3.73 -11.83 -0.33
CA ASP A 65 -4.65 -11.00 0.46
C ASP A 65 -6.05 -10.96 -0.12
N ALA A 66 -6.25 -11.38 -1.37
CA ALA A 66 -7.55 -11.24 -2.01
C ALA A 66 -8.66 -12.09 -1.38
N SER A 67 -8.29 -13.16 -0.66
CA SER A 67 -9.34 -13.99 -0.04
C SER A 67 -10.09 -13.26 1.08
N THR A 68 -9.57 -12.08 1.50
CA THR A 68 -10.21 -11.29 2.52
C THR A 68 -11.06 -10.15 1.92
N LEU A 69 -11.20 -10.08 0.61
CA LEU A 69 -12.03 -9.03 0.00
C LEU A 69 -13.47 -9.14 0.50
N SER A 70 -14.05 -7.99 0.81
CA SER A 70 -15.44 -7.94 1.26
C SER A 70 -16.43 -8.14 0.11
N THR A 71 -16.02 -7.79 -1.10
CA THR A 71 -16.86 -7.88 -2.29
C THR A 71 -15.90 -7.92 -3.48
N ASP A 72 -16.45 -8.27 -4.65
CA ASP A 72 -15.75 -8.16 -5.92
C ASP A 72 -16.20 -6.87 -6.59
N PRO A 73 -15.39 -5.80 -6.59
CA PRO A 73 -15.81 -4.56 -7.23
C PRO A 73 -16.18 -4.76 -8.67
N GLY A 74 -17.10 -3.92 -9.16
CA GLY A 74 -17.34 -3.84 -10.57
C GLY A 74 -16.19 -3.15 -11.32
N ASP A 75 -16.33 -3.06 -12.64
CA ASP A 75 -15.29 -2.43 -13.43
C ASP A 75 -15.23 -0.93 -13.18
N ASN A 76 -14.01 -0.42 -13.22
CA ASN A 76 -13.71 1.01 -13.31
C ASN A 76 -12.49 1.15 -14.22
N THR A 77 -12.20 2.39 -14.64
CA THR A 77 -10.98 2.61 -15.45
C THR A 77 -9.73 2.74 -14.58
N ASP A 78 -9.87 3.35 -13.40
CA ASP A 78 -8.79 3.72 -12.54
C ASP A 78 -9.08 3.23 -11.12
N GLY A 79 -8.07 2.96 -10.32
CA GLY A 79 -8.37 2.56 -8.96
C GLY A 79 -7.13 2.51 -8.11
N GLY A 80 -7.31 2.34 -6.81
CA GLY A 80 -6.16 2.27 -5.92
C GLY A 80 -6.55 1.79 -4.54
N ILE A 81 -5.53 1.73 -3.67
CA ILE A 81 -5.74 1.23 -2.33
C ILE A 81 -5.26 2.25 -1.30
N TYR A 82 -5.91 2.17 -0.13
CA TYR A 82 -5.56 2.93 1.05
C TYR A 82 -5.41 1.90 2.19
N LEU A 83 -4.21 1.84 2.76
CA LEU A 83 -3.89 0.90 3.82
C LEU A 83 -3.58 1.68 5.10
N GLN A 84 -4.05 1.22 6.26
CA GLN A 84 -3.73 1.91 7.50
C GLN A 84 -3.65 0.91 8.65
N GLY A 85 -2.72 1.16 9.57
CA GLY A 85 -2.62 0.36 10.78
C GLY A 85 -1.28 0.62 11.43
N TYR A 86 -0.60 -0.46 11.84
CA TYR A 86 0.61 -0.35 12.63
C TYR A 86 1.64 -1.36 12.13
N VAL A 87 2.91 -1.02 12.36
CA VAL A 87 4.04 -1.85 12.00
C VAL A 87 5.02 -1.87 13.16
N TYR A 88 5.45 -3.04 13.58
CA TYR A 88 6.43 -3.14 14.66
C TYR A 88 7.82 -2.82 14.11
N LEU A 89 8.45 -1.78 14.68
CA LEU A 89 9.82 -1.42 14.33
C LEU A 89 10.56 -1.07 15.61
N GLU A 90 11.77 -1.60 15.74
CA GLU A 90 12.69 -1.15 16.78
C GLU A 90 13.15 0.28 16.50
N ALA A 91 13.54 1.00 17.54
CA ALA A 91 14.15 2.30 17.34
C ALA A 91 15.37 2.17 16.43
N GLY A 92 15.59 3.15 15.57
CA GLY A 92 16.72 3.16 14.69
C GLY A 92 16.42 3.87 13.38
N THR A 93 17.26 3.64 12.38
CA THR A 93 17.18 4.29 11.08
C THR A 93 16.70 3.28 10.05
N TYR A 94 15.85 3.73 9.15
CA TYR A 94 15.24 2.89 8.12
C TYR A 94 15.15 3.67 6.81
N ASN A 95 14.95 2.93 5.70
CA ASN A 95 14.53 3.59 4.46
C ASN A 95 13.71 2.62 3.63
N PHE A 96 12.74 3.17 2.91
CA PHE A 96 11.99 2.41 1.94
C PHE A 96 12.70 2.35 0.58
N LYS A 97 12.40 1.28 -0.15
CA LYS A 97 12.76 1.13 -1.56
C LYS A 97 11.51 0.52 -2.20
N VAL A 98 10.86 1.26 -3.08
CA VAL A 98 9.51 0.93 -3.54
C VAL A 98 9.51 0.75 -5.05
N THR A 99 8.94 -0.37 -5.51
CA THR A 99 8.67 -0.62 -6.93
C THR A 99 7.20 -0.37 -7.16
N ALA A 100 6.86 0.47 -8.15
CA ALA A 100 5.45 0.80 -8.35
C ALA A 100 5.17 1.26 -9.76
N ASP A 101 3.92 1.01 -10.14
CA ASP A 101 3.20 1.62 -11.27
C ASP A 101 1.75 1.68 -10.78
N ASP A 102 1.13 2.84 -10.52
CA ASP A 102 1.60 4.20 -10.78
C ASP A 102 2.30 4.74 -9.53
N GLY A 103 1.76 5.79 -8.91
CA GLY A 103 2.39 6.45 -7.77
C GLY A 103 1.86 5.98 -6.44
N TYR A 104 2.38 6.63 -5.37
CA TYR A 104 2.13 6.16 -4.04
C TYR A 104 2.60 7.19 -3.02
N GLU A 105 2.11 7.02 -1.77
CA GLU A 105 2.68 7.73 -0.64
C GLU A 105 2.57 6.86 0.60
N ILE A 106 3.66 6.73 1.34
CA ILE A 106 3.71 6.01 2.61
C ILE A 106 4.04 7.00 3.70
N THR A 107 3.31 6.94 4.82
CA THR A 107 3.59 7.76 5.98
C THR A 107 3.81 6.86 7.17
N ILE A 108 4.71 7.30 8.08
CA ILE A 108 4.92 6.61 9.35
C ILE A 108 4.83 7.67 10.43
N ASN A 109 4.02 7.36 11.46
CA ASN A 109 3.75 8.29 12.53
C ASN A 109 3.35 9.66 11.95
N GLY A 110 2.55 9.62 10.86
CA GLY A 110 1.98 10.78 10.20
C GLY A 110 2.89 11.52 9.23
N ASN A 111 4.15 11.09 9.12
CA ASN A 111 5.14 11.82 8.32
C ASN A 111 5.41 11.07 7.03
N PRO A 112 5.37 11.73 5.85
CA PRO A 112 5.68 11.03 4.63
C PRO A 112 7.14 10.55 4.64
N VAL A 113 7.32 9.30 4.24
CA VAL A 113 8.63 8.68 4.15
C VAL A 113 8.90 8.06 2.77
N ALA A 114 7.91 8.05 1.88
CA ALA A 114 8.15 7.58 0.52
C ALA A 114 7.02 8.14 -0.34
N THR A 115 7.38 8.94 -1.34
CA THR A 115 6.39 9.66 -2.14
C THR A 115 6.75 9.57 -3.62
N VAL A 116 5.76 9.21 -4.46
CA VAL A 116 5.83 9.41 -5.90
C VAL A 116 4.50 10.03 -6.30
N ASP A 117 4.53 11.33 -6.63
CA ASP A 117 3.31 12.12 -6.83
C ASP A 117 2.95 12.25 -8.31
N ASN A 118 2.98 11.14 -9.04
CA ASN A 118 2.74 11.17 -10.49
C ASN A 118 2.55 9.73 -10.95
N ASN A 119 2.04 9.63 -12.18
CA ASN A 119 1.94 8.36 -12.87
C ASN A 119 3.30 7.95 -13.40
N GLN A 120 3.48 6.64 -13.58
CA GLN A 120 4.73 6.10 -14.09
C GLN A 120 4.56 4.64 -14.47
N SER A 121 5.28 4.27 -15.53
N SER A 121 5.30 4.24 -15.51
CA SER A 121 5.49 2.83 -15.77
CA SER A 121 5.52 2.78 -15.75
C SER A 121 6.41 2.37 -14.63
C SER A 121 6.43 2.26 -14.59
N VAL A 122 6.55 1.02 -14.55
CA VAL A 122 7.18 0.40 -13.34
C VAL A 122 8.55 1.04 -13.09
N TYR A 123 8.81 1.44 -11.84
CA TYR A 123 10.04 2.08 -11.47
C TYR A 123 10.30 1.80 -10.00
N THR A 124 11.56 1.65 -9.64
CA THR A 124 12.00 1.41 -8.25
C THR A 124 12.76 2.63 -7.75
N VAL A 125 12.25 3.24 -6.68
CA VAL A 125 12.94 4.36 -6.03
C VAL A 125 13.48 3.90 -4.69
N THR A 126 14.76 4.24 -4.44
CA THR A 126 15.33 4.13 -3.11
C THR A 126 15.11 5.48 -2.41
N HIS A 127 14.31 5.48 -1.37
CA HIS A 127 13.93 6.70 -0.68
C HIS A 127 14.92 7.03 0.44
N ALA A 128 14.88 8.28 0.88
CA ALA A 128 15.70 8.81 1.93
C ALA A 128 15.40 8.12 3.28
N SER A 129 16.41 8.07 4.13
CA SER A 129 16.22 7.46 5.44
C SER A 129 15.36 8.33 6.35
N PHE A 130 14.82 7.66 7.37
CA PHE A 130 14.06 8.30 8.47
C PHE A 130 14.40 7.53 9.75
N THR A 131 14.05 8.15 10.87
CA THR A 131 14.35 7.56 12.17
C THR A 131 13.04 7.23 12.88
N ILE A 132 13.13 6.16 13.67
CA ILE A 132 12.10 5.73 14.64
C ILE A 132 12.73 5.95 16.01
N SER A 133 12.07 6.77 16.82
CA SER A 133 12.65 7.13 18.13
C SER A 133 12.38 6.11 19.24
N GLU A 134 11.27 5.37 19.18
CA GLU A 134 10.90 4.49 20.27
C GLU A 134 10.42 3.15 19.69
N SER A 135 11.02 2.04 20.15
CA SER A 135 10.63 0.70 19.67
C SER A 135 9.15 0.47 19.96
N GLY A 136 8.50 -0.25 19.04
CA GLY A 136 7.10 -0.61 19.25
C GLY A 136 6.33 -0.58 17.95
N TYR A 137 5.01 -0.64 18.08
CA TYR A 137 4.14 -0.49 16.94
C TYR A 137 4.05 0.97 16.53
N GLN A 138 4.47 1.27 15.32
CA GLN A 138 4.43 2.58 14.74
C GLN A 138 3.18 2.71 13.86
N ALA A 139 2.54 3.89 13.85
CA ALA A 139 1.46 4.10 12.92
C ALA A 139 2.00 4.15 11.50
N ILE A 140 1.25 3.53 10.56
CA ILE A 140 1.65 3.55 9.16
C ILE A 140 0.40 3.66 8.30
N ASP A 141 0.50 4.40 7.20
CA ASP A 141 -0.51 4.29 6.17
C ASP A 141 0.16 4.38 4.80
N MET A 142 -0.59 3.89 3.80
CA MET A 142 -0.11 3.87 2.42
C MET A 142 -1.27 4.19 1.51
N ILE A 143 -0.97 4.91 0.43
CA ILE A 143 -1.86 4.96 -0.73
C ILE A 143 -1.02 4.55 -1.93
N TRP A 144 -1.71 3.94 -2.90
CA TRP A 144 -1.14 3.53 -4.20
C TRP A 144 -2.27 3.58 -5.19
N TRP A 145 -1.99 3.92 -6.45
CA TRP A 145 -3.05 3.81 -7.46
C TRP A 145 -2.49 3.40 -8.80
N ASP A 146 -3.45 3.03 -9.65
CA ASP A 146 -3.25 2.73 -11.06
C ASP A 146 -4.17 3.65 -11.88
N GLN A 147 -3.56 4.44 -12.78
N GLN A 147 -3.55 4.44 -12.77
CA GLN A 147 -4.33 5.26 -13.71
CA GLN A 147 -4.32 5.27 -13.74
C GLN A 147 -4.82 4.45 -14.91
C GLN A 147 -4.81 4.45 -14.92
N GLY A 148 -4.35 3.21 -15.04
CA GLY A 148 -4.63 2.36 -16.19
C GLY A 148 -3.37 1.67 -16.65
N GLY A 149 -3.56 0.59 -17.41
CA GLY A 149 -2.46 -0.14 -18.00
C GLY A 149 -1.88 -1.17 -17.05
N ASP A 150 -0.55 -1.14 -16.87
N ASP A 150 -0.56 -1.10 -16.87
CA ASP A 150 0.11 -2.05 -15.94
CA ASP A 150 0.13 -2.01 -15.98
C ASP A 150 0.00 -1.51 -14.51
C ASP A 150 0.03 -1.50 -14.53
N TYR A 151 0.33 -2.39 -13.57
CA TYR A 151 0.19 -2.05 -12.16
C TYR A 151 1.10 -2.97 -11.35
N VAL A 152 1.74 -2.40 -10.32
CA VAL A 152 2.56 -3.17 -9.39
C VAL A 152 2.77 -2.28 -8.15
N PHE A 153 2.90 -2.89 -6.97
CA PHE A 153 3.19 -2.11 -5.77
C PHE A 153 3.93 -3.00 -4.78
N GLN A 154 5.21 -2.72 -4.55
CA GLN A 154 6.01 -3.49 -3.59
C GLN A 154 6.91 -2.54 -2.83
N PRO A 155 6.42 -2.04 -1.68
N PRO A 155 6.44 -2.06 -1.65
CA PRO A 155 7.28 -1.31 -0.78
CA PRO A 155 7.26 -1.18 -0.80
C PRO A 155 8.16 -2.37 -0.11
C PRO A 155 8.11 -1.91 0.27
N THR A 156 9.40 -2.06 0.02
CA THR A 156 10.28 -2.81 0.89
C THR A 156 11.00 -1.84 1.81
N LEU A 157 11.45 -2.37 2.96
CA LEU A 157 12.03 -1.52 4.03
C LEU A 157 13.38 -2.10 4.43
N SER A 158 14.36 -1.23 4.67
CA SER A 158 15.67 -1.64 5.18
C SER A 158 15.89 -1.02 6.56
N ALA A 159 16.44 -1.84 7.47
CA ALA A 159 16.87 -1.47 8.80
C ALA A 159 18.38 -1.40 8.92
N ASP A 160 19.11 -1.70 7.84
CA ASP A 160 20.57 -1.91 7.92
C ASP A 160 21.28 -1.07 6.86
N GLY A 161 20.74 0.12 6.60
CA GLY A 161 21.44 1.04 5.71
C GLY A 161 21.38 0.65 4.24
N GLY A 162 20.34 -0.09 3.86
CA GLY A 162 20.12 -0.44 2.49
C GLY A 162 20.83 -1.69 2.03
N SER A 163 21.42 -2.45 2.94
N SER A 163 21.37 -2.48 2.98
CA SER A 163 22.01 -3.66 2.49
CA SER A 163 22.04 -3.81 2.71
C SER A 163 20.96 -4.77 2.26
C SER A 163 21.04 -4.93 2.42
N THR A 164 19.96 -4.90 3.16
CA THR A 164 18.88 -5.84 2.99
C THR A 164 17.56 -5.11 3.17
N TYR A 165 16.55 -5.66 2.47
CA TYR A 165 15.21 -5.09 2.52
C TYR A 165 14.20 -6.21 2.73
N PHE A 166 13.09 -5.88 3.40
CA PHE A 166 12.02 -6.82 3.64
C PHE A 166 10.69 -6.24 3.20
N VAL A 167 9.79 -7.13 2.78
CA VAL A 167 8.38 -6.83 2.58
C VAL A 167 7.70 -6.69 3.94
N LEU A 168 6.75 -5.78 4.02
CA LEU A 168 5.91 -5.63 5.22
C LEU A 168 4.79 -6.68 5.15
N ASP A 169 4.76 -7.56 6.15
CA ASP A 169 3.84 -8.68 6.13
C ASP A 169 3.45 -9.05 7.56
N SER A 170 2.76 -10.18 7.68
CA SER A 170 2.16 -10.58 8.94
C SER A 170 3.16 -10.75 10.06
N ALA A 171 4.48 -10.87 9.77
CA ALA A 171 5.44 -10.96 10.88
C ALA A 171 5.42 -9.71 11.78
N ILE A 172 5.12 -8.54 11.20
CA ILE A 172 5.31 -7.27 11.91
C ILE A 172 4.09 -6.33 11.84
N LEU A 173 3.07 -6.63 11.03
CA LEU A 173 1.94 -5.71 10.90
C LEU A 173 0.87 -6.04 11.98
N SER A 174 0.15 -4.98 12.38
CA SER A 174 -0.97 -5.14 13.29
C SER A 174 -2.05 -4.14 12.87
N SER A 175 -3.30 -4.59 12.82
CA SER A 175 -4.38 -3.70 12.39
C SER A 175 -4.70 -2.63 13.43
N THR A 176 -4.52 -2.93 14.72
CA THR A 176 -4.95 -2.03 15.81
C THR A 176 -3.82 -1.55 16.68
N GLY A 177 -2.63 -2.13 16.57
CA GLY A 177 -1.53 -1.84 17.49
C GLY A 177 -1.42 -2.79 18.68
N GLU A 178 -2.39 -3.69 18.82
CA GLU A 178 -2.25 -4.79 19.77
C GLU A 178 -1.45 -5.91 19.09
N THR A 179 -0.87 -6.78 19.90
CA THR A 179 -0.06 -7.87 19.37
C THR A 179 -0.95 -8.94 18.75
N PRO A 180 -0.80 -9.28 17.45
CA PRO A 180 -1.65 -10.31 16.87
C PRO A 180 -1.06 -11.71 17.14
N TYR A 181 -1.94 -12.64 17.47
CA TYR A 181 -1.64 -14.06 17.66
C TYR A 181 -2.56 -14.88 16.72
N THR A 182 -2.31 -14.82 15.46
CA THR A 182 -3.19 -15.36 14.45
C THR A 182 -2.41 -16.43 13.64
CA CA B . -0.61 2.00 -14.58
CA CA C . -14.07 -7.01 -10.43
CA CA D . -7.08 6.66 -16.26
CA CA E . -14.03 6.95 2.10
C1 EDO F . -9.64 -14.42 -9.89
O1 EDO F . -10.55 -14.60 -10.92
C2 EDO F . -10.27 -14.50 -8.56
O2 EDO F . -9.39 -14.77 -7.49
H11 EDO F . -9.18 -13.56 -9.99
H12 EDO F . -8.96 -15.12 -9.96
HO1 EDO F . -10.15 -14.53 -11.66
H21 EDO F . -10.93 -15.22 -8.59
H22 EDO F . -10.74 -13.68 -8.41
HO2 EDO F . -9.53 -15.55 -7.21
C1 INS G . 1.17 2.42 -17.36
C1 INS G . 1.34 2.39 -17.37
C1 INS G . 1.57 3.56 -19.51
C2 INS G . 2.09 2.01 -18.47
C2 INS G . 0.48 2.60 -18.50
C2 INS G . 2.11 2.26 -18.66
C3 INS G . 2.25 3.21 -19.38
C3 INS G . 0.90 3.90 -19.25
C3 INS G . 1.73 2.33 -17.14
C4 INS G . 2.82 4.39 -18.57
C4 INS G . 2.39 4.25 -18.87
C4 INS G . 1.15 3.71 -16.85
C5 INS G . 1.82 4.80 -17.50
C5 INS G . 1.77 4.75 -17.55
C5 INS G . 2.04 4.81 -17.43
C6 INS G . 1.53 3.65 -16.57
C6 INS G . 1.64 3.60 -16.57
C6 INS G . 1.19 4.91 -18.67
O1 INS G . 0.89 1.34 -16.47
O1 INS G . 0.89 1.41 -16.48
O1 INS G . 0.48 3.35 -20.41
O2 INS G . 3.35 1.70 -17.95
O2 INS G . 0.44 1.37 -19.21
O2 INS G . 1.85 0.88 -19.09
O3 INS G . 3.13 2.83 -20.45
O3 INS G . 0.17 4.00 -20.49
O3 INS G . 0.85 1.34 -16.54
O4 INS G . 2.92 5.48 -19.48
O4 INS G . 3.23 5.25 -19.48
O4 INS G . 0.29 3.99 -15.72
O5 INS G . 2.07 5.99 -16.72
O5 INS G . 2.19 5.93 -16.81
O5 INS G . 1.96 6.01 -16.66
O6 INS G . 0.33 3.95 -15.83
O6 INS G . 0.40 3.90 -15.89
O6 INS G . 1.50 6.13 -19.43
H1 INS G . 0.32 2.62 -17.80
H1 INS G . 2.17 2.02 -17.70
H1 INS G . 2.32 3.82 -20.07
H2 INS G . 1.73 1.26 -18.96
H2 INS G . -0.42 2.75 -18.15
H2 INS G . 3.08 2.36 -18.68
H3 INS G . 1.37 3.45 -19.74
H3 INS G . 0.30 4.56 -18.92
H3 INS G . 2.56 2.28 -16.66
H4 INS G . 3.65 4.19 -18.16
H4 INS G . 2.93 3.46 -18.76
H4 INS G . 0.39 3.60 -17.44
H5 INS G . 0.99 4.97 -17.98
H5 INS G . 0.87 5.08 -17.60
H5 INS G . 2.95 4.51 -17.61
H6 INS G . 2.28 3.48 -15.99
H6 INS G . 2.40 3.51 -15.98
H6 INS G . 0.24 4.97 -18.49
HO1 INS G . 0.04 1.26 -16.38
HO1 INS G . 0.17 1.07 -16.77
HO1 INS G . -0.06 2.78 -20.08
HO2 INS G . 3.41 0.85 -17.86
HO2 INS G . 1.19 1.24 -19.59
HO2 INS G . 2.50 0.38 -18.84
HO3 INS G . 2.69 2.83 -21.18
HO3 INS G . 0.65 3.69 -21.13
HO3 INS G . 0.83 0.65 -17.02
HO4 INS G . 3.71 5.52 -19.78
HO4 INS G . 3.31 5.91 -18.95
HO4 INS G . 0.37 4.81 -15.51
HO5 INS G . 1.80 6.68 -17.15
HO5 INS G . 1.70 6.59 -17.02
HO5 INS G . 1.32 6.48 -16.95
HO6 INS G . 0.40 3.64 -15.05
HO6 INS G . 0.45 3.64 -15.09
HO6 INS G . 1.94 6.66 -18.95
CA CA H . 1.36 -12.03 -5.62
CA CA I . 7.31 5.41 -19.02
#